data_3WN1
#
_entry.id   3WN1
#
_cell.length_a   97.668
_cell.length_b   97.668
_cell.length_c   104.019
_cell.angle_alpha   90.00
_cell.angle_beta   90.00
_cell.angle_gamma   90.00
#
_symmetry.space_group_name_H-M   'P 41 21 2'
#
loop_
_entity.id
_entity.type
_entity.pdbx_description
1 polymer 'Extracellular exo-alpha-L-arabinofuranosidase'
2 branched beta-D-xylopyranose-(1-4)-beta-D-xylopyranose-(1-4)-beta-D-xylopyranose
3 non-polymer 'CALCIUM ION'
4 non-polymer 'CHLORIDE ION'
5 non-polymer 2-AMINO-2-HYDROXYMETHYL-PROPANE-1,3-DIOL
6 non-polymer 'CITRIC ACID'
7 water water
#
_entity_poly.entity_id   1
_entity_poly.type   'polypeptide(L)'
_entity_poly.pdbx_seq_one_letter_code
;AGSGALRGAGSNRCLDVLGGSQDDGALLQLYDCWGGTNQQWTSTDTGRLTVYGDKCLDVPGHATAPGTRVQIWSCSGGAN
QQWRVNSDGTVVGVESGLCLEAAGAGTANGTAVQLWTCNGGGNQKWTGLTGTPPTDGTCALPSTYRWSSTGVLAQPKSGW
VALKDFTTVTHNGRHLVYGSTSSGSSYGSMVFSPFTNWSDMASAGQNAMNQAAVAPTLFYFAPKNIWVLAYQWGSWPFIY
RTSSDPTDPNGWSAPQPLFTGSISGSDTGPIDQTLIADGQNMYLFFAGDNGKIYRASMPIGNFPGNFGSSYTTIMSDTKA
NLFEGVQVYKVQGQNQYLMIVEAMGANGRYFRSFTASSLSGSWTPQAASEGNPFAGKANSGATWTNDISHGDLVRDNPDQ
TMTVDPCNLQFLYQGKSPNAGGDYNSLPWRPGVLTLRR
;
_entity_poly.pdbx_strand_id   A
#
# COMPACT_ATOMS: atom_id res chain seq x y z
N GLY A 137 20.14 4.13 -18.52
CA GLY A 137 19.39 2.84 -18.63
C GLY A 137 18.77 2.43 -17.31
N THR A 138 19.54 1.69 -16.51
CA THR A 138 19.06 1.20 -15.22
C THR A 138 19.66 1.98 -14.04
N CYS A 139 18.85 2.19 -13.01
CA CYS A 139 19.28 2.83 -11.78
C CYS A 139 19.22 1.81 -10.65
N ALA A 140 20.00 2.03 -9.60
CA ALA A 140 19.92 1.24 -8.39
C ALA A 140 19.15 2.01 -7.33
N LEU A 141 18.61 1.30 -6.34
CA LEU A 141 18.07 1.95 -5.14
C LEU A 141 19.21 2.61 -4.37
N PRO A 142 19.00 3.83 -3.85
CA PRO A 142 20.04 4.47 -3.05
C PRO A 142 20.19 3.79 -1.70
N SER A 143 21.33 3.98 -1.04
CA SER A 143 21.50 3.49 0.33
C SER A 143 20.86 4.48 1.30
N THR A 144 20.93 5.76 0.95
CA THR A 144 20.28 6.83 1.70
C THR A 144 19.22 7.49 0.82
N TYR A 145 17.99 7.58 1.33
CA TYR A 145 16.90 8.17 0.57
C TYR A 145 16.71 9.65 0.92
N ARG A 146 16.52 10.48 -0.10
CA ARG A 146 16.16 11.89 0.08
C ARG A 146 15.00 12.21 -0.83
N TRP A 147 13.91 12.75 -0.28
CA TRP A 147 12.73 13.06 -1.06
C TRP A 147 12.41 14.56 -1.07
N SER A 148 11.65 14.99 -2.08
CA SER A 148 10.88 16.22 -1.97
C SER A 148 9.42 15.81 -1.90
N SER A 149 8.57 16.67 -1.33
CA SER A 149 7.16 16.35 -1.12
C SER A 149 6.20 17.40 -1.66
N THR A 150 5.05 16.98 -2.14
CA THR A 150 3.94 17.89 -2.41
C THR A 150 3.38 18.37 -1.08
N GLY A 151 2.46 19.33 -1.14
CA GLY A 151 1.61 19.64 0.01
C GLY A 151 0.48 18.63 0.05
N VAL A 152 -0.56 18.93 0.82
CA VAL A 152 -1.77 18.12 0.81
C VAL A 152 -2.38 18.16 -0.59
N LEU A 153 -2.69 16.99 -1.13
CA LEU A 153 -3.15 16.88 -2.51
C LEU A 153 -4.66 16.89 -2.69
N ALA A 154 -5.42 16.62 -1.62
CA ALA A 154 -6.88 16.62 -1.70
C ALA A 154 -7.53 16.64 -0.32
N GLN A 155 -8.73 17.21 -0.24
CA GLN A 155 -9.53 17.20 0.97
C GLN A 155 -10.64 16.17 0.81
N PRO A 156 -10.97 15.44 1.90
CA PRO A 156 -12.06 14.46 1.79
C PRO A 156 -13.41 15.12 1.49
N LYS A 157 -14.17 14.47 0.62
CA LYS A 157 -15.56 14.79 0.32
C LYS A 157 -16.39 14.92 1.60
N SER A 158 -17.41 15.76 1.58
CA SER A 158 -18.32 15.94 2.72
C SER A 158 -18.78 14.58 3.28
N GLY A 159 -18.63 14.40 4.59
CA GLY A 159 -19.00 13.13 5.25
C GLY A 159 -17.81 12.24 5.61
N TRP A 160 -16.65 12.50 4.99
CA TRP A 160 -15.42 11.81 5.37
C TRP A 160 -14.48 12.75 6.11
N VAL A 161 -13.81 12.23 7.15
CA VAL A 161 -12.75 12.99 7.84
C VAL A 161 -11.35 12.61 7.37
N ALA A 162 -11.25 11.57 6.55
CA ALA A 162 -9.92 11.09 6.10
C ALA A 162 -9.96 10.33 4.78
N LEU A 163 -8.87 10.46 4.04
CA LEU A 163 -8.56 9.63 2.87
C LEU A 163 -7.28 8.90 3.21
N LYS A 164 -7.24 7.59 2.94
CA LYS A 164 -6.24 6.71 3.55
C LYS A 164 -5.80 5.52 2.68
N ASP A 165 -4.65 4.94 3.03
CA ASP A 165 -4.26 3.58 2.62
C ASP A 165 -4.25 3.41 1.11
N PHE A 166 -3.62 4.36 0.42
CA PHE A 166 -3.75 4.44 -1.03
C PHE A 166 -3.10 3.28 -1.77
N THR A 167 -3.72 2.92 -2.89
CA THR A 167 -3.14 2.02 -3.88
C THR A 167 -3.34 2.70 -5.24
N THR A 168 -2.29 2.70 -6.07
CA THR A 168 -2.37 3.46 -7.32
C THR A 168 -1.63 2.83 -8.49
N VAL A 169 -2.26 2.92 -9.66
CA VAL A 169 -1.64 2.57 -10.93
C VAL A 169 -1.88 3.68 -11.94
N THR A 170 -1.07 3.67 -13.01
CA THR A 170 -1.40 4.44 -14.20
C THR A 170 -2.30 3.58 -15.07
N HIS A 171 -3.44 4.16 -15.45
CA HIS A 171 -4.43 3.51 -16.29
C HIS A 171 -4.81 4.49 -17.40
N ASN A 172 -4.53 4.10 -18.65
CA ASN A 172 -4.73 4.95 -19.83
C ASN A 172 -4.15 6.35 -19.69
N GLY A 173 -2.89 6.42 -19.27
CA GLY A 173 -2.17 7.68 -19.11
C GLY A 173 -2.59 8.54 -17.92
N ARG A 174 -3.48 8.03 -17.07
CA ARG A 174 -3.97 8.80 -15.92
C ARG A 174 -3.73 8.06 -14.61
N HIS A 175 -3.55 8.82 -13.53
CA HIS A 175 -3.47 8.24 -12.18
C HIS A 175 -4.81 7.67 -11.76
N LEU A 176 -4.80 6.39 -11.41
CA LEU A 176 -5.97 5.72 -10.86
C LEU A 176 -5.67 5.36 -9.41
N VAL A 177 -6.46 5.92 -8.50
CA VAL A 177 -6.21 5.83 -7.06
C VAL A 177 -7.42 5.31 -6.30
N TYR A 178 -7.25 4.20 -5.60
CA TYR A 178 -8.22 3.73 -4.61
C TYR A 178 -7.68 4.02 -3.23
N GLY A 179 -8.58 4.20 -2.27
CA GLY A 179 -8.18 4.39 -0.89
C GLY A 179 -9.29 4.01 0.09
N SER A 180 -8.90 3.86 1.36
CA SER A 180 -9.87 3.75 2.44
C SER A 180 -10.45 5.14 2.71
N THR A 181 -11.65 5.19 3.28
CA THR A 181 -12.20 6.43 3.79
C THR A 181 -12.53 6.22 5.26
N SER A 182 -12.59 7.32 6.01
CA SER A 182 -13.12 7.27 7.36
C SER A 182 -14.13 8.37 7.57
N SER A 183 -15.28 8.03 8.17
CA SER A 183 -16.23 9.01 8.66
C SER A 183 -15.91 9.36 10.12
N GLY A 184 -14.96 8.64 10.69
CA GLY A 184 -14.64 8.75 12.12
C GLY A 184 -15.26 7.63 12.93
N SER A 185 -16.39 7.11 12.45
CA SER A 185 -17.10 6.00 13.09
C SER A 185 -16.75 4.66 12.44
N SER A 186 -16.56 4.67 11.13
CA SER A 186 -16.27 3.45 10.38
C SER A 186 -15.43 3.75 9.13
N TYR A 187 -14.78 2.70 8.61
CA TYR A 187 -13.99 2.82 7.38
C TYR A 187 -14.75 2.31 6.17
N GLY A 188 -14.65 3.04 5.06
CA GLY A 188 -15.16 2.59 3.78
C GLY A 188 -14.06 2.68 2.75
N SER A 189 -14.44 2.70 1.48
CA SER A 189 -13.45 2.86 0.41
C SER A 189 -14.01 3.70 -0.72
N MET A 190 -13.13 4.11 -1.63
CA MET A 190 -13.47 5.03 -2.70
C MET A 190 -12.43 4.94 -3.81
N VAL A 191 -12.77 5.50 -4.96
CA VAL A 191 -11.80 5.70 -6.03
C VAL A 191 -11.90 7.18 -6.44
N PHE A 192 -10.76 7.79 -6.77
CA PHE A 192 -10.75 9.12 -7.38
C PHE A 192 -11.05 8.97 -8.86
N SER A 193 -11.75 9.94 -9.44
CA SER A 193 -11.88 10.00 -10.89
C SER A 193 -10.47 10.14 -11.47
N PRO A 194 -10.18 9.46 -12.59
CA PRO A 194 -8.80 9.51 -13.11
C PRO A 194 -8.32 10.94 -13.40
N PHE A 195 -7.07 11.22 -13.11
CA PHE A 195 -6.51 12.55 -13.32
C PHE A 195 -5.09 12.40 -13.83
N THR A 196 -4.62 13.37 -14.61
CA THR A 196 -3.31 13.25 -15.27
C THR A 196 -2.16 13.72 -14.38
N ASN A 197 -2.35 14.85 -13.69
CA ASN A 197 -1.31 15.42 -12.83
C ASN A 197 -1.69 15.34 -11.36
N TRP A 198 -0.72 15.03 -10.50
CA TRP A 198 -0.95 15.04 -9.05
C TRP A 198 -1.53 16.36 -8.57
N SER A 199 -1.13 17.46 -9.22
CA SER A 199 -1.61 18.80 -8.87
C SER A 199 -3.11 18.98 -9.15
N ASP A 200 -3.70 18.05 -9.92
CA ASP A 200 -5.14 18.06 -10.20
C ASP A 200 -5.95 17.07 -9.36
N MET A 201 -5.27 16.32 -8.49
CA MET A 201 -5.99 15.43 -7.58
C MET A 201 -7.04 16.18 -6.75
N ALA A 202 -6.72 17.43 -6.38
CA ALA A 202 -7.62 18.24 -5.54
C ALA A 202 -9.02 18.43 -6.16
N SER A 203 -9.09 18.47 -7.48
CA SER A 203 -10.37 18.66 -8.18
C SER A 203 -11.01 17.37 -8.67
N ALA A 204 -10.30 16.25 -8.53
CA ALA A 204 -10.82 14.95 -8.99
C ALA A 204 -12.06 14.54 -8.21
N GLY A 205 -13.05 14.00 -8.90
CA GLY A 205 -14.23 13.44 -8.26
C GLY A 205 -13.84 12.36 -7.27
N GLN A 206 -14.59 12.25 -6.18
CA GLN A 206 -14.34 11.24 -5.16
C GLN A 206 -15.56 10.34 -5.13
N ASN A 207 -15.37 9.08 -5.52
CA ASN A 207 -16.47 8.16 -5.76
C ASN A 207 -16.47 7.01 -4.75
N ALA A 208 -17.42 7.04 -3.82
CA ALA A 208 -17.56 6.00 -2.81
C ALA A 208 -17.87 4.65 -3.42
N MET A 209 -17.27 3.59 -2.86
CA MET A 209 -17.68 2.24 -3.19
C MET A 209 -18.87 1.87 -2.31
N ASN A 210 -19.91 1.28 -2.91
CA ASN A 210 -21.11 0.91 -2.15
C ASN A 210 -20.90 -0.31 -1.23
N GLN A 211 -19.79 -1.02 -1.45
CA GLN A 211 -19.36 -2.09 -0.55
C GLN A 211 -17.89 -1.85 -0.17
N ALA A 212 -17.62 -1.70 1.12
CA ALA A 212 -16.29 -1.28 1.59
C ALA A 212 -15.15 -2.23 1.22
N ALA A 213 -14.07 -1.67 0.69
CA ALA A 213 -12.85 -2.42 0.43
C ALA A 213 -11.70 -1.75 1.17
N VAL A 214 -11.65 -1.99 2.49
CA VAL A 214 -10.69 -1.31 3.35
C VAL A 214 -9.24 -1.75 3.08
N ALA A 215 -8.34 -0.77 3.05
CA ALA A 215 -6.91 -0.98 2.78
C ALA A 215 -6.71 -1.79 1.49
N PRO A 216 -7.16 -1.25 0.34
CA PRO A 216 -7.21 -2.01 -0.91
C PRO A 216 -5.86 -2.15 -1.62
N THR A 217 -5.74 -3.21 -2.42
CA THR A 217 -4.64 -3.40 -3.37
C THR A 217 -5.22 -3.54 -4.77
N LEU A 218 -4.80 -2.67 -5.67
CA LEU A 218 -5.28 -2.68 -7.04
C LEU A 218 -4.17 -3.10 -8.01
N PHE A 219 -4.48 -4.03 -8.91
CA PHE A 219 -3.57 -4.38 -10.00
C PHE A 219 -4.30 -5.05 -11.15
N TYR A 220 -3.63 -5.06 -12.30
CA TYR A 220 -4.09 -5.78 -13.48
C TYR A 220 -3.41 -7.16 -13.50
N PHE A 221 -4.21 -8.22 -13.60
CA PHE A 221 -3.67 -9.58 -13.63
C PHE A 221 -3.60 -10.06 -15.07
N ALA A 222 -2.43 -9.88 -15.67
CA ALA A 222 -2.26 -10.09 -17.11
C ALA A 222 -2.60 -11.51 -17.61
N PRO A 223 -2.22 -12.57 -16.85
CA PRO A 223 -2.51 -13.92 -17.36
C PRO A 223 -4.00 -14.24 -17.57
N LYS A 224 -4.89 -13.48 -16.93
CA LYS A 224 -6.33 -13.67 -17.13
C LYS A 224 -7.02 -12.40 -17.64
N ASN A 225 -6.23 -11.40 -18.03
CA ASN A 225 -6.76 -10.14 -18.54
C ASN A 225 -7.91 -9.60 -17.65
N ILE A 226 -7.61 -9.46 -16.37
CA ILE A 226 -8.64 -9.06 -15.41
C ILE A 226 -8.01 -8.20 -14.33
N TRP A 227 -8.77 -7.20 -13.86
CA TRP A 227 -8.31 -6.38 -12.74
C TRP A 227 -8.74 -6.99 -11.41
N VAL A 228 -7.89 -6.81 -10.40
CA VAL A 228 -8.11 -7.38 -9.08
C VAL A 228 -8.06 -6.25 -8.04
N LEU A 229 -9.05 -6.26 -7.15
CA LEU A 229 -9.04 -5.38 -5.99
C LEU A 229 -9.11 -6.27 -4.75
N ALA A 230 -8.01 -6.31 -4.00
CA ALA A 230 -7.96 -7.10 -2.77
C ALA A 230 -8.05 -6.17 -1.58
N TYR A 231 -8.57 -6.69 -0.47
CA TYR A 231 -8.83 -5.84 0.70
C TYR A 231 -9.11 -6.65 1.97
N GLN A 232 -9.32 -5.93 3.07
CA GLN A 232 -9.63 -6.58 4.34
C GLN A 232 -11.03 -6.26 4.82
N TRP A 233 -11.55 -7.10 5.71
CA TRP A 233 -12.83 -6.92 6.42
C TRP A 233 -14.06 -7.20 5.58
N GLY A 234 -14.73 -8.29 5.93
CA GLY A 234 -15.93 -8.76 5.23
C GLY A 234 -16.13 -10.19 5.66
N SER A 235 -16.49 -11.07 4.72
CA SER A 235 -16.78 -12.47 5.05
C SER A 235 -15.53 -13.28 5.39
N TRP A 236 -14.36 -12.81 4.96
CA TRP A 236 -13.08 -13.48 5.25
C TRP A 236 -12.06 -12.42 5.70
N PRO A 237 -10.97 -12.84 6.39
CA PRO A 237 -9.90 -11.91 6.78
C PRO A 237 -9.37 -11.05 5.60
N PHE A 238 -9.02 -11.68 4.48
CA PHE A 238 -8.77 -10.94 3.24
C PHE A 238 -9.67 -11.41 2.12
N ILE A 239 -10.00 -10.48 1.24
CA ILE A 239 -11.04 -10.68 0.23
C ILE A 239 -10.54 -10.07 -1.07
N TYR A 240 -11.08 -10.53 -2.19
CA TYR A 240 -10.86 -9.84 -3.46
C TYR A 240 -12.10 -9.82 -4.35
N ARG A 241 -12.10 -8.85 -5.26
CA ARG A 241 -13.11 -8.74 -6.29
C ARG A 241 -12.38 -8.51 -7.62
N THR A 242 -13.03 -8.81 -8.72
CA THR A 242 -12.42 -8.62 -10.05
C THR A 242 -13.28 -7.72 -10.92
N SER A 243 -12.65 -7.13 -11.94
CA SER A 243 -13.36 -6.22 -12.85
C SER A 243 -12.64 -6.08 -14.18
N SER A 244 -13.41 -5.76 -15.22
CA SER A 244 -12.82 -5.36 -16.49
C SER A 244 -12.71 -3.85 -16.61
N ASP A 245 -13.28 -3.11 -15.66
CA ASP A 245 -13.15 -1.66 -15.67
C ASP A 245 -12.87 -1.11 -14.29
N PRO A 246 -11.59 -0.92 -13.95
CA PRO A 246 -11.19 -0.54 -12.60
C PRO A 246 -11.54 0.89 -12.22
N THR A 247 -12.01 1.69 -13.16
CA THR A 247 -12.40 3.08 -12.87
C THR A 247 -13.76 3.12 -12.14
N ASP A 248 -14.55 2.05 -12.27
CA ASP A 248 -15.89 2.01 -11.69
C ASP A 248 -15.87 1.45 -10.26
N PRO A 249 -16.19 2.28 -9.25
CA PRO A 249 -16.15 1.82 -7.86
C PRO A 249 -17.15 0.71 -7.56
N ASN A 250 -18.19 0.60 -8.39
CA ASN A 250 -19.25 -0.39 -8.16
C ASN A 250 -19.37 -1.41 -9.30
N GLY A 251 -18.35 -1.51 -10.13
CA GLY A 251 -18.34 -2.50 -11.21
C GLY A 251 -17.61 -3.79 -10.85
N TRP A 252 -17.19 -3.91 -9.59
CA TRP A 252 -16.42 -5.07 -9.14
C TRP A 252 -17.32 -6.29 -8.89
N SER A 253 -16.80 -7.48 -9.15
CA SER A 253 -17.55 -8.73 -9.01
C SER A 253 -17.89 -9.04 -7.55
N ALA A 254 -18.63 -10.13 -7.33
CA ALA A 254 -18.93 -10.61 -5.98
C ALA A 254 -17.62 -10.92 -5.24
N PRO A 255 -17.55 -10.57 -3.94
CA PRO A 255 -16.37 -10.84 -3.12
C PRO A 255 -16.03 -12.34 -3.06
N GLN A 256 -14.73 -12.63 -3.07
CA GLN A 256 -14.23 -14.00 -2.93
C GLN A 256 -13.13 -14.05 -1.86
N PRO A 257 -12.95 -15.22 -1.21
CA PRO A 257 -11.93 -15.31 -0.17
C PRO A 257 -10.51 -15.23 -0.75
N LEU A 258 -9.67 -14.42 -0.12
CA LEU A 258 -8.26 -14.37 -0.49
C LEU A 258 -7.41 -15.10 0.54
N PHE A 259 -7.82 -15.00 1.81
CA PHE A 259 -7.07 -15.58 2.93
C PHE A 259 -8.04 -15.81 4.08
N THR A 260 -7.93 -16.96 4.74
CA THR A 260 -8.87 -17.33 5.81
C THR A 260 -8.15 -17.75 7.09
N GLY A 261 -6.85 -17.46 7.17
CA GLY A 261 -6.06 -17.85 8.33
C GLY A 261 -6.18 -16.90 9.50
N SER A 262 -5.52 -17.24 10.59
CA SER A 262 -5.52 -16.42 11.78
C SER A 262 -4.12 -16.40 12.40
N ILE A 263 -3.80 -15.31 13.07
CA ILE A 263 -2.47 -15.12 13.65
C ILE A 263 -2.58 -14.95 15.17
N SER A 264 -1.50 -15.23 15.89
CA SER A 264 -1.51 -15.08 17.34
C SER A 264 -0.92 -13.75 17.76
N GLY A 265 -1.26 -13.30 18.96
CA GLY A 265 -0.69 -12.10 19.55
C GLY A 265 -0.99 -10.82 18.78
N SER A 266 -2.19 -10.73 18.22
CA SER A 266 -2.58 -9.56 17.44
C SER A 266 -3.96 -9.06 17.86
N ASP A 267 -4.05 -7.77 18.12
CA ASP A 267 -5.33 -7.11 18.41
C ASP A 267 -6.19 -6.94 17.16
N THR A 268 -5.54 -6.93 15.99
CA THR A 268 -6.24 -6.63 14.73
C THR A 268 -6.60 -7.86 13.90
N GLY A 269 -5.84 -8.93 14.09
CA GLY A 269 -5.83 -10.02 13.11
C GLY A 269 -5.00 -9.59 11.89
N PRO A 270 -5.02 -10.41 10.81
CA PRO A 270 -4.29 -10.05 9.58
C PRO A 270 -4.69 -8.66 9.07
N ILE A 271 -3.72 -7.83 8.72
CA ILE A 271 -3.99 -6.45 8.31
C ILE A 271 -3.07 -6.03 7.16
N ASP A 272 -3.59 -5.15 6.30
CA ASP A 272 -2.81 -4.51 5.24
C ASP A 272 -2.10 -5.48 4.31
N GLN A 273 -2.87 -6.33 3.64
CA GLN A 273 -2.33 -7.25 2.66
C GLN A 273 -1.73 -6.50 1.47
N THR A 274 -0.74 -7.11 0.85
CA THR A 274 -0.43 -6.77 -0.53
C THR A 274 -0.25 -8.09 -1.30
N LEU A 275 -0.29 -7.99 -2.62
CA LEU A 275 -0.09 -9.13 -3.51
C LEU A 275 0.99 -8.80 -4.51
N ILE A 276 1.80 -9.79 -4.86
CA ILE A 276 2.86 -9.59 -5.83
C ILE A 276 3.27 -10.94 -6.40
N ALA A 277 3.41 -11.01 -7.71
CA ALA A 277 3.85 -12.22 -8.37
C ALA A 277 5.18 -12.01 -9.06
N ASP A 278 6.00 -13.05 -9.10
CA ASP A 278 7.13 -13.04 -10.03
C ASP A 278 6.66 -13.74 -11.31
N GLY A 279 7.55 -14.46 -11.98
CA GLY A 279 7.16 -15.16 -13.21
C GLY A 279 6.51 -16.50 -12.93
N GLN A 280 6.57 -16.95 -11.67
CA GLN A 280 6.21 -18.33 -11.31
C GLN A 280 5.11 -18.46 -10.25
N ASN A 281 5.20 -17.62 -9.21
CA ASN A 281 4.35 -17.73 -8.04
C ASN A 281 3.69 -16.41 -7.68
N MET A 282 2.46 -16.48 -7.18
CA MET A 282 1.77 -15.32 -6.62
C MET A 282 1.95 -15.32 -5.10
N TYR A 283 2.35 -14.19 -4.56
CA TYR A 283 2.61 -14.06 -3.12
C TYR A 283 1.63 -13.14 -2.43
N LEU A 284 1.27 -13.50 -1.20
CA LEU A 284 0.53 -12.64 -0.32
C LEU A 284 1.46 -12.23 0.83
N PHE A 285 1.56 -10.93 1.10
CA PHE A 285 2.28 -10.46 2.30
C PHE A 285 1.29 -9.69 3.15
N PHE A 286 1.41 -9.80 4.47
CA PHE A 286 0.56 -9.05 5.38
C PHE A 286 1.20 -8.84 6.74
N ALA A 287 0.57 -7.98 7.55
CA ALA A 287 1.09 -7.65 8.87
C ALA A 287 0.03 -7.98 9.91
N GLY A 288 0.30 -7.66 11.18
CA GLY A 288 -0.65 -7.94 12.23
C GLY A 288 -0.66 -6.96 13.40
N ASP A 289 -0.17 -5.74 13.16
CA ASP A 289 -0.01 -4.76 14.22
C ASP A 289 0.72 -5.33 15.45
N ASN A 290 1.71 -6.19 15.19
CA ASN A 290 2.30 -6.98 16.27
C ASN A 290 3.79 -7.27 16.14
N GLY A 291 4.45 -6.65 15.17
CA GLY A 291 5.89 -6.84 15.00
C GLY A 291 6.25 -7.94 14.04
N LYS A 292 5.24 -8.59 13.46
CA LYS A 292 5.48 -9.67 12.52
C LYS A 292 5.03 -9.35 11.10
N ILE A 293 5.73 -9.93 10.13
CA ILE A 293 5.32 -9.90 8.73
C ILE A 293 5.13 -11.34 8.28
N TYR A 294 4.06 -11.57 7.54
CA TYR A 294 3.66 -12.92 7.14
C TYR A 294 3.61 -13.02 5.62
N ARG A 295 3.74 -14.24 5.11
CA ARG A 295 3.77 -14.48 3.67
C ARG A 295 3.03 -15.77 3.36
N ALA A 296 2.32 -15.80 2.25
CA ALA A 296 1.73 -17.02 1.69
C ALA A 296 1.99 -17.03 0.19
N SER A 297 1.87 -18.20 -0.44
CA SER A 297 2.15 -18.30 -1.87
C SER A 297 1.33 -19.37 -2.54
N MET A 298 1.12 -19.20 -3.85
CA MET A 298 0.50 -20.23 -4.69
C MET A 298 1.10 -20.10 -6.09
N PRO A 299 1.10 -21.20 -6.87
CA PRO A 299 1.47 -21.06 -8.29
C PRO A 299 0.57 -20.04 -8.97
N ILE A 300 1.13 -19.22 -9.86
CA ILE A 300 0.37 -18.15 -10.54
C ILE A 300 -0.83 -18.71 -11.31
N GLY A 301 -0.69 -19.93 -11.83
CA GLY A 301 -1.79 -20.61 -12.54
C GLY A 301 -3.04 -20.81 -11.70
N ASN A 302 -2.88 -20.79 -10.38
CA ASN A 302 -4.00 -20.99 -9.45
C ASN A 302 -4.66 -19.67 -8.98
N PHE A 303 -4.14 -18.54 -9.45
CA PHE A 303 -4.69 -17.22 -9.15
C PHE A 303 -5.50 -16.69 -10.34
N PRO A 304 -6.60 -15.93 -10.09
CA PRO A 304 -7.20 -15.54 -8.81
C PRO A 304 -7.74 -16.71 -8.01
N GLY A 305 -7.53 -16.65 -6.71
CA GLY A 305 -8.01 -17.70 -5.83
C GLY A 305 -7.67 -17.46 -4.38
N ASN A 306 -8.00 -18.45 -3.58
CA ASN A 306 -7.90 -18.41 -2.14
C ASN A 306 -6.57 -19.00 -1.69
N PHE A 307 -5.77 -18.20 -0.96
CA PHE A 307 -4.54 -18.72 -0.34
C PHE A 307 -4.84 -19.70 0.80
N GLY A 308 -6.06 -19.65 1.33
CA GLY A 308 -6.46 -20.56 2.40
C GLY A 308 -6.02 -20.05 3.75
N SER A 309 -5.73 -20.97 4.66
CA SER A 309 -5.41 -20.61 6.05
C SER A 309 -3.91 -20.59 6.34
N SER A 310 -3.11 -21.22 5.49
CA SER A 310 -1.68 -21.37 5.76
C SER A 310 -0.83 -20.14 5.45
N TYR A 311 0.20 -19.93 6.26
CA TYR A 311 1.15 -18.83 6.04
C TYR A 311 2.50 -19.16 6.64
N THR A 312 3.49 -18.36 6.27
CA THR A 312 4.82 -18.40 6.85
C THR A 312 5.07 -17.07 7.59
N THR A 313 5.64 -17.15 8.79
CA THR A 313 6.08 -15.94 9.52
C THR A 313 7.50 -15.63 9.08
N ILE A 314 7.68 -14.53 8.35
CA ILE A 314 8.96 -14.26 7.70
C ILE A 314 9.85 -13.25 8.43
N MET A 315 9.22 -12.38 9.21
CA MET A 315 9.93 -11.37 10.00
C MET A 315 9.30 -11.22 11.37
N SER A 316 10.13 -10.93 12.37
CA SER A 316 9.69 -10.80 13.75
C SER A 316 10.54 -9.75 14.47
N ASP A 317 9.88 -8.70 14.97
CA ASP A 317 10.57 -7.62 15.64
C ASP A 317 9.58 -7.02 16.65
N THR A 318 9.91 -5.86 17.22
CA THR A 318 8.96 -5.20 18.12
C THR A 318 7.75 -4.71 17.33
N LYS A 319 6.64 -4.52 18.04
CA LYS A 319 5.43 -3.95 17.46
C LYS A 319 5.72 -2.64 16.74
N ALA A 320 6.54 -1.78 17.36
CA ALA A 320 6.89 -0.48 16.79
C ALA A 320 7.67 -0.62 15.48
N ASN A 321 8.57 -1.61 15.40
CA ASN A 321 9.45 -1.74 14.25
C ASN A 321 8.81 -2.34 13.00
N LEU A 322 7.86 -3.25 13.19
CA LEU A 322 7.19 -3.90 12.07
C LEU A 322 5.71 -3.88 12.34
N PHE A 323 5.10 -2.73 12.10
CA PHE A 323 3.74 -2.51 12.56
C PHE A 323 2.66 -2.91 11.54
N GLU A 324 2.63 -2.26 10.37
CA GLU A 324 1.56 -2.46 9.38
C GLU A 324 1.95 -1.83 8.04
N GLY A 325 1.00 -1.67 7.11
CA GLY A 325 1.25 -0.96 5.86
C GLY A 325 2.32 -1.57 4.96
N VAL A 326 2.45 -2.89 4.99
CA VAL A 326 3.51 -3.56 4.24
C VAL A 326 3.27 -3.50 2.73
N GLN A 327 4.32 -3.17 1.99
CA GLN A 327 4.24 -3.22 0.52
C GLN A 327 5.48 -3.90 -0.02
N VAL A 328 5.33 -4.59 -1.16
CA VAL A 328 6.45 -5.28 -1.81
C VAL A 328 6.43 -4.99 -3.31
N TYR A 329 7.62 -4.76 -3.88
CA TYR A 329 7.76 -4.35 -5.28
C TYR A 329 8.95 -5.04 -5.93
N LYS A 330 8.87 -5.19 -7.25
CA LYS A 330 10.03 -5.58 -8.07
C LYS A 330 10.78 -4.32 -8.48
N VAL A 331 12.08 -4.29 -8.22
CA VAL A 331 12.91 -3.18 -8.68
C VAL A 331 13.28 -3.43 -10.14
N GLN A 332 12.73 -2.60 -11.02
CA GLN A 332 13.02 -2.71 -12.46
C GLN A 332 14.51 -2.52 -12.70
N GLY A 333 15.09 -3.42 -13.50
CA GLY A 333 16.49 -3.30 -13.93
C GLY A 333 17.47 -3.89 -12.93
N GLN A 334 16.97 -4.44 -11.83
CA GLN A 334 17.81 -5.06 -10.80
C GLN A 334 17.25 -6.43 -10.43
N ASN A 335 18.11 -7.34 -10.00
CA ASN A 335 17.64 -8.64 -9.54
C ASN A 335 17.29 -8.53 -8.06
N GLN A 336 16.26 -7.73 -7.79
CA GLN A 336 16.00 -7.25 -6.44
C GLN A 336 14.53 -6.93 -6.21
N TYR A 337 14.03 -7.28 -5.03
CA TYR A 337 12.70 -6.89 -4.61
C TYR A 337 12.81 -5.96 -3.41
N LEU A 338 11.84 -5.07 -3.31
CA LEU A 338 11.82 -4.05 -2.27
C LEU A 338 10.60 -4.21 -1.39
N MET A 339 10.82 -4.33 -0.08
CA MET A 339 9.74 -4.35 0.89
C MET A 339 9.82 -3.09 1.75
N ILE A 340 8.67 -2.43 1.94
CA ILE A 340 8.60 -1.33 2.89
C ILE A 340 7.55 -1.69 3.94
N VAL A 341 7.84 -1.35 5.19
CA VAL A 341 6.92 -1.63 6.29
C VAL A 341 6.76 -0.36 7.13
N GLU A 342 5.52 -0.03 7.48
CA GLU A 342 5.27 1.12 8.33
C GLU A 342 5.62 0.82 9.79
N ALA A 343 6.33 1.76 10.40
CA ALA A 343 6.79 1.64 11.78
C ALA A 343 6.28 2.84 12.58
N MET A 344 6.21 2.68 13.90
CA MET A 344 5.85 3.78 14.77
C MET A 344 7.12 4.35 15.38
N GLY A 345 7.50 5.55 14.95
CA GLY A 345 8.70 6.18 15.45
C GLY A 345 8.40 7.15 16.59
N ALA A 346 9.47 7.66 17.20
CA ALA A 346 9.35 8.68 18.25
C ALA A 346 8.68 9.96 17.71
N ASN A 347 8.93 10.27 16.45
CA ASN A 347 8.44 11.52 15.85
C ASN A 347 7.22 11.38 14.94
N GLY A 348 6.82 10.13 14.68
CA GLY A 348 5.68 9.86 13.83
C GLY A 348 5.84 8.56 13.05
N ARG A 349 4.83 8.25 12.25
CA ARG A 349 4.87 7.07 11.39
C ARG A 349 5.96 7.25 10.33
N TYR A 350 6.69 6.17 10.06
CA TYR A 350 7.69 6.18 9.01
C TYR A 350 7.81 4.77 8.39
N PHE A 351 8.53 4.68 7.28
CA PHE A 351 8.74 3.40 6.61
C PHE A 351 10.20 2.93 6.71
N ARG A 352 10.35 1.63 7.00
CA ARG A 352 11.64 0.94 6.98
C ARG A 352 11.66 0.07 5.73
N SER A 353 12.78 0.06 5.01
CA SER A 353 12.89 -0.75 3.79
C SER A 353 13.82 -1.95 3.96
N PHE A 354 13.54 -2.98 3.16
CA PHE A 354 14.30 -4.24 3.14
C PHE A 354 14.42 -4.69 1.70
N THR A 355 15.48 -5.43 1.37
CA THR A 355 15.63 -5.96 0.01
C THR A 355 15.78 -7.49 0.04
N ALA A 356 15.46 -8.12 -1.09
CA ALA A 356 15.62 -9.56 -1.28
C ALA A 356 15.91 -9.82 -2.76
N SER A 357 16.56 -10.94 -3.07
CA SER A 357 16.81 -11.32 -4.46
C SER A 357 15.71 -12.23 -5.00
N SER A 358 14.83 -12.66 -4.11
CA SER A 358 13.77 -13.60 -4.43
C SER A 358 12.59 -13.35 -3.49
N LEU A 359 11.36 -13.43 -4.01
CA LEU A 359 10.18 -13.23 -3.17
C LEU A 359 10.00 -14.27 -2.07
N SER A 360 10.63 -15.43 -2.23
CA SER A 360 10.59 -16.48 -1.19
C SER A 360 11.84 -16.42 -0.30
N GLY A 361 12.70 -15.43 -0.55
CA GLY A 361 13.99 -15.34 0.14
C GLY A 361 13.98 -14.55 1.44
N SER A 362 15.16 -14.38 2.02
CA SER A 362 15.35 -13.59 3.23
C SER A 362 15.38 -12.10 2.92
N TRP A 363 14.90 -11.29 3.87
CA TRP A 363 14.86 -9.84 3.69
C TRP A 363 15.97 -9.18 4.50
N THR A 364 16.78 -8.37 3.83
CA THR A 364 17.90 -7.69 4.49
C THR A 364 17.53 -6.22 4.72
N PRO A 365 17.66 -5.73 5.98
CA PRO A 365 17.40 -4.31 6.25
C PRO A 365 18.17 -3.40 5.30
N GLN A 366 17.49 -2.40 4.76
CA GLN A 366 18.12 -1.43 3.88
C GLN A 366 18.14 -0.08 4.59
N ALA A 367 17.08 0.72 4.43
CA ALA A 367 16.98 1.96 5.19
C ALA A 367 15.93 1.73 6.26
N ALA A 368 16.38 1.27 7.42
CA ALA A 368 15.49 0.64 8.38
C ALA A 368 15.56 1.16 9.82
N SER A 369 15.84 2.46 9.97
CA SER A 369 15.75 3.11 11.28
C SER A 369 15.08 4.48 11.08
N GLU A 370 14.58 5.06 12.17
CA GLU A 370 13.89 6.35 12.10
C GLU A 370 14.80 7.46 11.58
N GLY A 371 16.08 7.41 11.97
CA GLY A 371 17.07 8.41 11.54
C GLY A 371 17.53 8.23 10.10
N ASN A 372 17.44 7.00 9.60
CA ASN A 372 17.77 6.70 8.21
C ASN A 372 16.67 5.84 7.57
N PRO A 373 15.47 6.43 7.36
CA PRO A 373 14.32 5.65 6.95
C PRO A 373 14.21 5.53 5.43
N PHE A 374 13.38 4.61 4.96
CA PHE A 374 12.95 4.65 3.55
C PHE A 374 12.28 6.01 3.30
N ALA A 375 11.29 6.34 4.14
CA ALA A 375 10.58 7.62 4.06
C ALA A 375 10.03 7.96 5.43
N GLY A 376 10.34 9.15 5.93
CA GLY A 376 9.85 9.60 7.23
C GLY A 376 10.12 11.07 7.42
N LYS A 377 9.80 11.59 8.60
CA LYS A 377 10.08 12.99 8.90
C LYS A 377 11.54 13.37 8.61
N ALA A 378 12.46 12.43 8.84
CA ALA A 378 13.89 12.66 8.62
C ALA A 378 14.26 13.06 7.19
N ASN A 379 13.53 12.56 6.20
CA ASN A 379 13.97 12.73 4.80
C ASN A 379 12.86 13.00 3.77
N SER A 380 11.64 13.25 4.25
CA SER A 380 10.51 13.42 3.34
C SER A 380 10.49 14.74 2.60
N GLY A 381 11.06 15.78 3.22
CA GLY A 381 10.92 17.15 2.71
C GLY A 381 9.51 17.72 2.86
N ALA A 382 8.66 17.04 3.63
CA ALA A 382 7.28 17.48 3.88
C ALA A 382 7.21 18.39 5.09
N THR A 383 6.48 19.50 4.99
CA THR A 383 6.29 20.40 6.13
C THR A 383 4.92 20.19 6.76
N TRP A 384 3.95 19.78 5.95
CA TRP A 384 2.56 19.71 6.42
C TRP A 384 2.28 18.51 7.33
N THR A 385 3.19 17.53 7.33
CA THR A 385 3.02 16.31 8.09
C THR A 385 4.36 15.84 8.65
N ASN A 386 4.34 15.30 9.86
CA ASN A 386 5.50 14.63 10.45
C ASN A 386 5.36 13.11 10.35
N ASP A 387 4.25 12.68 9.74
CA ASP A 387 3.97 11.26 9.54
C ASP A 387 4.03 10.91 8.06
N ILE A 388 4.73 9.83 7.75
CA ILE A 388 4.65 9.20 6.41
C ILE A 388 4.07 7.81 6.65
N SER A 389 2.83 7.63 6.19
CA SER A 389 2.03 6.47 6.57
C SER A 389 1.37 5.79 5.35
N HIS A 390 0.77 4.63 5.61
CA HIS A 390 0.20 3.68 4.62
C HIS A 390 -0.14 4.24 3.23
N GLY A 391 0.63 3.84 2.23
CA GLY A 391 0.37 4.26 0.86
C GLY A 391 0.92 3.25 -0.13
N ASP A 392 1.41 3.75 -1.27
CA ASP A 392 1.84 2.88 -2.36
C ASP A 392 2.87 3.65 -3.19
N LEU A 393 3.97 2.98 -3.53
CA LEU A 393 4.88 3.52 -4.53
C LEU A 393 4.13 3.61 -5.85
N VAL A 394 4.46 4.62 -6.65
CA VAL A 394 3.74 4.86 -7.90
C VAL A 394 4.15 3.81 -8.94
N ARG A 395 3.18 3.01 -9.39
CA ARG A 395 3.46 1.94 -10.33
C ARG A 395 2.97 2.31 -11.73
N ASP A 396 3.90 2.47 -12.66
CA ASP A 396 3.54 2.84 -14.01
C ASP A 396 2.96 1.66 -14.78
N ASN A 397 3.58 0.50 -14.60
CA ASN A 397 3.03 -0.76 -15.10
C ASN A 397 2.05 -1.29 -14.04
N PRO A 398 0.76 -1.38 -14.39
CA PRO A 398 -0.28 -1.78 -13.43
C PRO A 398 -0.32 -3.27 -13.11
N ASP A 399 0.56 -4.08 -13.71
CA ASP A 399 0.40 -5.53 -13.61
C ASP A 399 0.79 -6.14 -12.25
N GLN A 400 0.59 -7.45 -12.14
CA GLN A 400 0.76 -8.18 -10.88
C GLN A 400 2.20 -8.26 -10.35
N THR A 401 3.18 -7.85 -11.16
CA THR A 401 4.58 -7.90 -10.71
C THR A 401 4.94 -6.73 -9.78
N MET A 402 4.06 -5.74 -9.66
CA MET A 402 4.30 -4.58 -8.80
C MET A 402 5.67 -3.95 -9.07
N THR A 403 5.99 -3.74 -10.35
CA THR A 403 7.30 -3.24 -10.72
C THR A 403 7.36 -1.72 -10.53
N VAL A 404 8.44 -1.27 -9.89
CA VAL A 404 8.73 0.17 -9.80
C VAL A 404 10.05 0.49 -10.48
N ASP A 405 10.11 1.70 -11.03
CA ASP A 405 11.31 2.20 -11.71
C ASP A 405 12.13 3.04 -10.72
N PRO A 406 13.30 2.52 -10.31
CA PRO A 406 14.17 3.21 -9.37
C PRO A 406 14.76 4.51 -9.91
N CYS A 407 14.66 4.74 -11.22
CA CYS A 407 15.09 6.01 -11.83
C CYS A 407 14.07 7.12 -11.58
N ASN A 408 12.81 6.77 -11.37
CA ASN A 408 11.75 7.76 -11.19
C ASN A 408 10.81 7.41 -10.02
N LEU A 409 11.40 7.12 -8.86
CA LEU A 409 10.62 6.63 -7.72
C LEU A 409 9.77 7.72 -7.09
N GLN A 410 8.47 7.44 -6.95
CA GLN A 410 7.53 8.32 -6.24
C GLN A 410 6.66 7.52 -5.29
N PHE A 411 6.25 8.16 -4.19
CA PHE A 411 5.51 7.50 -3.11
C PHE A 411 4.24 8.29 -2.81
N LEU A 412 3.09 7.67 -3.08
CA LEU A 412 1.79 8.22 -2.69
C LEU A 412 1.48 7.75 -1.28
N TYR A 413 1.53 8.67 -0.32
CA TYR A 413 1.43 8.34 1.10
C TYR A 413 0.27 9.09 1.76
N GLN A 414 -0.08 8.66 2.98
CA GLN A 414 -0.99 9.41 3.82
C GLN A 414 -0.20 10.14 4.92
N GLY A 415 -0.59 11.38 5.17
CA GLY A 415 0.02 12.19 6.23
C GLY A 415 -1.08 12.91 6.98
N LYS A 416 -0.71 13.61 8.05
CA LYS A 416 -1.68 14.38 8.82
C LYS A 416 -1.03 15.59 9.48
N SER A 417 -1.84 16.60 9.79
CA SER A 417 -1.34 17.76 10.52
C SER A 417 -0.70 17.30 11.81
N PRO A 418 0.49 17.86 12.14
CA PRO A 418 1.14 17.56 13.42
C PRO A 418 0.25 17.92 14.62
N ASN A 419 -0.65 18.89 14.44
CA ASN A 419 -1.50 19.32 15.55
C ASN A 419 -2.76 18.48 15.77
N ALA A 420 -3.02 17.54 14.85
CA ALA A 420 -4.20 16.70 14.95
C ALA A 420 -4.06 15.64 16.05
N GLY A 421 -5.07 15.55 16.90
CA GLY A 421 -5.05 14.58 17.99
C GLY A 421 -6.36 13.85 18.09
N GLY A 422 -6.56 13.16 19.20
CA GLY A 422 -7.80 12.42 19.45
C GLY A 422 -7.70 10.95 19.12
N ASP A 423 -8.85 10.33 18.94
CA ASP A 423 -8.96 8.90 18.64
C ASP A 423 -8.35 8.61 17.28
N TYR A 424 -7.59 7.51 17.18
CA TYR A 424 -6.97 7.15 15.90
C TYR A 424 -7.94 7.17 14.73
N ASN A 425 -9.13 6.60 14.93
CA ASN A 425 -10.10 6.45 13.86
C ASN A 425 -10.66 7.78 13.31
N SER A 426 -10.45 8.86 14.05
CA SER A 426 -10.94 10.16 13.61
C SER A 426 -9.86 11.06 13.01
N LEU A 427 -8.62 10.57 12.96
CA LEU A 427 -7.48 11.37 12.48
C LEU A 427 -7.68 11.87 11.03
N PRO A 428 -7.35 13.15 10.76
CA PRO A 428 -7.54 13.73 9.43
C PRO A 428 -6.39 13.40 8.46
N TRP A 429 -6.33 12.14 8.02
CA TRP A 429 -5.33 11.71 7.06
C TRP A 429 -5.62 12.30 5.67
N ARG A 430 -4.56 12.64 4.95
CA ARG A 430 -4.66 13.26 3.62
C ARG A 430 -3.59 12.66 2.70
N PRO A 431 -3.82 12.67 1.37
CA PRO A 431 -2.82 12.20 0.40
C PRO A 431 -1.68 13.20 0.14
N GLY A 432 -0.46 12.68 0.01
CA GLY A 432 0.71 13.45 -0.41
C GLY A 432 1.55 12.58 -1.33
N VAL A 433 2.44 13.19 -2.10
CA VAL A 433 3.33 12.42 -2.97
C VAL A 433 4.78 12.85 -2.76
N LEU A 434 5.64 11.86 -2.46
CA LEU A 434 7.08 12.08 -2.39
C LEU A 434 7.73 11.73 -3.73
N THR A 435 8.74 12.52 -4.10
CA THR A 435 9.52 12.28 -5.32
C THR A 435 10.99 12.14 -4.91
N LEU A 436 11.61 11.03 -5.30
CA LEU A 436 13.00 10.78 -4.92
C LEU A 436 13.94 11.78 -5.61
N ARG A 437 14.80 12.42 -4.82
CA ARG A 437 15.82 13.32 -5.37
C ARG A 437 17.05 12.49 -5.66
N ARG A 438 17.54 12.55 -6.89
CA ARG A 438 18.73 11.79 -7.28
C ARG A 438 19.96 12.70 -7.41
#